data_4IO3
#
_entry.id   4IO3
#
_cell.length_a   55.132
_cell.length_b   100.364
_cell.length_c   56.896
_cell.angle_alpha   90.00
_cell.angle_beta   116.40
_cell.angle_gamma   90.00
#
_symmetry.space_group_name_H-M   'P 1 21 1'
#
loop_
_entity.id
_entity.type
_entity.pdbx_description
1 polymer 'AvGluR1 ligand binding domain'
2 non-polymer 'ASPARTIC ACID'
3 non-polymer 'CHLORIDE ION'
4 water water
#
_entity_poly.entity_id   1
_entity_poly.type   'polypeptide(L)'
_entity_poly.pdbx_seq_one_letter_code
;GSARLKGITLRIGVIESVPFTIVANVIDTSGRNTTKLTGYVLDLIEYLRDKMGFVADVQLAPPNTSYTGLVLALANGDYD
IAIGDITVTSARREIVAFSNSISDNSMRILMRKGTLIDGMDDLKNGKIPYNRIGIRIGTAGEDYYLREISGGSRNFYPLK
SRQEMYDSLLAGIIDVSFMDIGTAEYVTNNIYCNLTLVGEDFDKSTFGIVTPKEWLYAKDLDVNILSLRETGILDNLKKK
WFQTKACP
;
_entity_poly.pdbx_strand_id   A,B
#
# COMPACT_ATOMS: atom_id res chain seq x y z
N GLY A 1 -0.21 10.56 24.04
CA GLY A 1 -0.02 9.23 24.68
C GLY A 1 -0.66 8.13 23.85
N SER A 2 -0.76 6.94 24.44
CA SER A 2 -1.30 5.79 23.73
C SER A 2 -1.94 4.82 24.72
N ALA A 3 -2.82 3.96 24.20
CA ALA A 3 -3.45 2.93 24.99
C ALA A 3 -3.75 1.70 24.13
N ARG A 4 -3.95 0.57 24.81
CA ARG A 4 -4.39 -0.67 24.16
C ARG A 4 -5.89 -0.74 24.19
N LEU A 5 -6.47 -1.39 23.19
CA LEU A 5 -7.94 -1.44 23.04
C LEU A 5 -8.62 -2.54 23.89
N LYS A 6 -7.86 -3.37 24.60
CA LYS A 6 -8.49 -4.46 25.37
C LYS A 6 -9.56 -4.00 26.37
N GLY A 7 -10.75 -4.60 26.30
CA GLY A 7 -11.87 -4.25 27.16
C GLY A 7 -12.63 -2.98 26.77
N ILE A 8 -12.14 -2.28 25.76
CA ILE A 8 -12.71 -1.00 25.37
C ILE A 8 -13.78 -1.22 24.30
N THR A 9 -14.90 -0.50 24.40
CA THR A 9 -15.95 -0.60 23.37
C THR A 9 -15.62 0.33 22.21
N LEU A 10 -15.60 -0.24 21.00
CA LEU A 10 -15.43 0.54 19.78
C LEU A 10 -16.69 0.50 18.97
N ARG A 11 -17.22 1.68 18.68
CA ARG A 11 -18.29 1.84 17.69
C ARG A 11 -17.67 1.81 16.31
N ILE A 12 -17.98 0.76 15.56
CA ILE A 12 -17.33 0.50 14.26
C ILE A 12 -18.32 0.75 13.14
N GLY A 13 -18.06 1.77 12.33
CA GLY A 13 -18.90 2.10 11.21
C GLY A 13 -18.58 1.19 10.03
N VAL A 14 -19.61 0.62 9.43
CA VAL A 14 -19.45 -0.17 8.20
C VAL A 14 -20.44 0.33 7.17
N ILE A 15 -20.17 0.00 5.91
CA ILE A 15 -20.98 0.54 4.80
C ILE A 15 -21.21 -0.56 3.76
N GLU A 16 -22.45 -0.67 3.30
CA GLU A 16 -22.83 -1.74 2.38
C GLU A 16 -22.00 -1.70 1.08
N SER A 17 -21.43 -2.87 0.75
CA SER A 17 -20.63 -3.05 -0.44
C SER A 17 -20.31 -4.52 -0.61
N VAL A 18 -20.98 -5.22 -1.53
CA VAL A 18 -20.72 -6.65 -1.59
C VAL A 18 -19.38 -6.87 -2.31
N PRO A 19 -18.54 -7.80 -1.80
CA PRO A 19 -18.69 -8.73 -0.68
C PRO A 19 -17.87 -8.28 0.53
N PHE A 20 -17.58 -6.99 0.65
CA PHE A 20 -16.96 -6.46 1.86
C PHE A 20 -17.94 -6.47 3.04
N THR A 21 -19.08 -5.82 2.87
CA THR A 21 -20.11 -5.76 3.86
C THR A 21 -21.44 -6.03 3.15
N ILE A 22 -21.98 -7.22 3.40
CA ILE A 22 -23.14 -7.76 2.72
C ILE A 22 -24.32 -7.68 3.68
N VAL A 23 -25.39 -7.05 3.23
CA VAL A 23 -26.53 -6.70 4.07
C VAL A 23 -27.76 -7.50 3.63
N ALA A 24 -28.29 -8.32 4.52
CA ALA A 24 -29.48 -9.13 4.20
C ALA A 24 -30.58 -8.86 5.20
N ASN A 25 -31.83 -8.91 4.73
CA ASN A 25 -32.98 -8.80 5.61
C ASN A 25 -33.56 -10.17 6.00
N VAL A 26 -34.00 -10.26 7.25
CA VAL A 26 -34.56 -11.48 7.86
C VAL A 26 -33.60 -12.65 7.69
N ASN A 33 -38.54 -8.73 11.35
CA ASN A 33 -37.46 -8.22 10.49
C ASN A 33 -36.19 -7.83 11.25
N THR A 34 -35.05 -8.37 10.78
CA THR A 34 -33.74 -7.98 11.28
C THR A 34 -32.76 -7.94 10.12
N THR A 35 -31.63 -7.30 10.37
CA THR A 35 -30.59 -7.18 9.37
C THR A 35 -29.44 -8.05 9.77
N LYS A 36 -28.93 -8.83 8.82
CA LYS A 36 -27.77 -9.66 9.02
C LYS A 36 -26.60 -9.13 8.19
N LEU A 37 -25.41 -9.04 8.80
CA LEU A 37 -24.21 -8.57 8.09
C LEU A 37 -23.18 -9.70 7.99
N THR A 38 -22.62 -9.88 6.80
CA THR A 38 -21.55 -10.84 6.58
C THR A 38 -20.57 -10.19 5.62
N GLY A 39 -19.43 -10.86 5.40
CA GLY A 39 -18.47 -10.40 4.41
C GLY A 39 -17.06 -10.27 4.94
N TYR A 40 -16.16 -9.87 4.06
CA TYR A 40 -14.76 -9.65 4.41
C TYR A 40 -14.59 -8.75 5.63
N VAL A 41 -15.36 -7.67 5.68
CA VAL A 41 -15.22 -6.69 6.75
C VAL A 41 -15.61 -7.28 8.10
N LEU A 42 -16.67 -8.07 8.09
CA LEU A 42 -17.18 -8.59 9.35
C LEU A 42 -16.20 -9.64 9.85
N ASP A 43 -15.63 -10.42 8.93
CA ASP A 43 -14.62 -11.40 9.30
C ASP A 43 -13.37 -10.70 9.84
N LEU A 44 -12.98 -9.61 9.19
CA LEU A 44 -11.82 -8.84 9.65
C LEU A 44 -12.06 -8.29 11.06
N ILE A 45 -13.25 -7.77 11.31
CA ILE A 45 -13.56 -7.26 12.65
C ILE A 45 -13.36 -8.38 13.69
N GLU A 46 -13.85 -9.57 13.38
CA GLU A 46 -13.71 -10.70 14.31
C GLU A 46 -12.23 -11.07 14.55
N TYR A 47 -11.42 -11.09 13.51
CA TYR A 47 -9.97 -11.30 13.68
C TYR A 47 -9.32 -10.26 14.59
N LEU A 48 -9.62 -9.00 14.36
CA LEU A 48 -9.03 -7.95 15.19
C LEU A 48 -9.54 -8.01 16.63
N ARG A 49 -10.83 -8.27 16.78
CA ARG A 49 -11.44 -8.33 18.12
C ARG A 49 -10.78 -9.44 18.93
N ASP A 50 -10.54 -10.56 18.29
CA ASP A 50 -9.93 -11.71 18.98
C ASP A 50 -8.50 -11.43 19.41
N LYS A 51 -7.75 -10.73 18.56
CA LYS A 51 -6.37 -10.41 18.91
C LYS A 51 -6.21 -9.24 19.88
N MET A 52 -7.11 -8.27 19.80
CA MET A 52 -6.96 -7.01 20.51
C MET A 52 -7.83 -6.93 21.78
N GLY A 53 -8.92 -7.68 21.80
CA GLY A 53 -9.74 -7.76 23.00
C GLY A 53 -10.76 -6.65 23.18
N PHE A 54 -10.96 -5.80 22.18
CA PHE A 54 -12.00 -4.77 22.27
C PHE A 54 -13.39 -5.39 22.18
N VAL A 55 -14.40 -4.60 22.54
CA VAL A 55 -15.80 -4.98 22.40
C VAL A 55 -16.32 -4.29 21.16
N ALA A 56 -16.81 -5.08 20.22
CA ALA A 56 -17.23 -4.54 18.94
C ALA A 56 -18.70 -4.16 18.91
N ASP A 57 -18.94 -2.89 18.65
CA ASP A 57 -20.30 -2.37 18.44
C ASP A 57 -20.42 -1.97 16.98
N VAL A 58 -20.80 -2.94 16.14
CA VAL A 58 -20.82 -2.73 14.70
C VAL A 58 -22.09 -2.02 14.29
N GLN A 59 -21.92 -0.91 13.58
CA GLN A 59 -23.01 -0.04 13.19
C GLN A 59 -23.00 0.18 11.68
N LEU A 60 -24.01 -0.37 11.01
CA LEU A 60 -24.19 -0.15 9.58
C LEU A 60 -24.62 1.29 9.33
N ALA A 61 -23.93 1.98 8.43
CA ALA A 61 -24.31 3.34 8.05
C ALA A 61 -25.69 3.31 7.39
N PRO A 62 -26.46 4.38 7.59
CA PRO A 62 -27.76 4.53 6.92
C PRO A 62 -27.66 4.34 5.41
N PRO A 63 -28.71 3.80 4.78
CA PRO A 63 -28.69 3.30 3.40
C PRO A 63 -28.07 4.26 2.40
N ASN A 64 -28.35 5.54 2.56
CA ASN A 64 -27.95 6.52 1.57
C ASN A 64 -26.63 7.21 1.91
N THR A 65 -25.98 6.78 2.98
CA THR A 65 -24.68 7.35 3.35
C THR A 65 -23.65 7.15 2.22
N SER A 66 -22.95 8.22 1.88
CA SER A 66 -21.87 8.12 0.89
C SER A 66 -20.54 7.81 1.57
N TYR A 67 -19.51 7.49 0.79
CA TYR A 67 -18.20 7.18 1.37
C TYR A 67 -17.63 8.44 2.04
N THR A 68 -17.75 9.59 1.37
CA THR A 68 -17.30 10.80 2.01
C THR A 68 -18.14 11.11 3.25
N GLY A 69 -19.43 10.78 3.19
CA GLY A 69 -20.32 10.98 4.31
C GLY A 69 -19.92 10.17 5.53
N LEU A 70 -19.50 8.94 5.28
CA LEU A 70 -19.02 8.05 6.34
C LEU A 70 -17.76 8.60 7.01
N VAL A 71 -16.82 9.07 6.21
CA VAL A 71 -15.61 9.68 6.75
C VAL A 71 -15.98 10.91 7.60
N LEU A 72 -16.86 11.75 7.08
CA LEU A 72 -17.25 12.95 7.82
C LEU A 72 -18.00 12.60 9.11
N ALA A 73 -18.83 11.56 9.06
CA ALA A 73 -19.55 11.10 10.26
C ALA A 73 -18.57 10.66 11.34
N LEU A 74 -17.52 9.98 10.94
CA LEU A 74 -16.53 9.58 11.89
C LEU A 74 -15.82 10.80 12.50
N ALA A 75 -15.45 11.76 11.65
CA ALA A 75 -14.80 12.98 12.10
C ALA A 75 -15.70 13.72 13.09
N ASN A 76 -17.02 13.59 12.89
CA ASN A 76 -18.00 14.27 13.76
C ASN A 76 -18.20 13.55 15.09
N GLY A 77 -17.59 12.37 15.23
CA GLY A 77 -17.66 11.59 16.46
C GLY A 77 -18.77 10.53 16.48
N ASP A 78 -19.38 10.26 15.34
CA ASP A 78 -20.48 9.30 15.25
C ASP A 78 -20.02 7.85 15.34
N TYR A 79 -18.75 7.62 15.04
CA TYR A 79 -18.09 6.30 15.18
C TYR A 79 -16.72 6.48 15.81
N ASP A 80 -16.14 5.40 16.34
CA ASP A 80 -14.76 5.41 16.78
C ASP A 80 -13.77 5.05 15.64
N ILE A 81 -14.10 4.04 14.84
CA ILE A 81 -13.40 3.71 13.60
C ILE A 81 -14.43 3.36 12.53
N ALA A 82 -14.00 3.37 11.27
CA ALA A 82 -14.83 2.87 10.17
C ALA A 82 -14.00 1.92 9.30
N ILE A 83 -14.58 0.77 9.00
CA ILE A 83 -13.86 -0.27 8.26
C ILE A 83 -14.64 -0.63 7.01
N GLY A 84 -13.96 -0.57 5.88
CA GLY A 84 -14.57 -0.97 4.63
C GLY A 84 -13.62 -0.73 3.48
N ASP A 85 -14.21 -0.72 2.30
CA ASP A 85 -13.55 -0.40 1.06
C ASP A 85 -13.44 1.12 0.90
N ILE A 86 -12.68 1.72 1.81
CA ILE A 86 -12.61 3.16 1.96
C ILE A 86 -11.24 3.64 1.50
N THR A 87 -11.24 4.37 0.39
CA THR A 87 -10.00 4.83 -0.21
C THR A 87 -9.29 5.91 0.61
N VAL A 88 -7.98 5.72 0.79
CA VAL A 88 -7.14 6.71 1.50
C VAL A 88 -6.83 7.82 0.51
N THR A 89 -7.30 9.02 0.80
CA THR A 89 -7.02 10.14 -0.06
C THR A 89 -6.46 11.32 0.71
N SER A 90 -5.75 12.19 0.01
N SER A 90 -5.77 12.20 -0.01
CA SER A 90 -5.15 13.36 0.62
CA SER A 90 -5.13 13.40 0.54
C SER A 90 -6.20 14.25 1.29
C SER A 90 -6.15 14.34 1.21
N ALA A 91 -7.29 14.49 0.59
CA ALA A 91 -8.33 15.34 1.13
C ALA A 91 -8.94 14.75 2.41
N ARG A 92 -9.17 13.43 2.43
CA ARG A 92 -9.72 12.80 3.63
C ARG A 92 -8.72 12.86 4.78
N ARG A 93 -7.44 12.72 4.46
CA ARG A 93 -6.39 12.72 5.49
C ARG A 93 -6.30 14.08 6.22
N GLU A 94 -6.82 15.13 5.60
CA GLU A 94 -6.90 16.40 6.29
C GLU A 94 -7.79 16.33 7.54
N ILE A 95 -8.82 15.47 7.52
CA ILE A 95 -9.83 15.46 8.57
C ILE A 95 -9.91 14.22 9.44
N VAL A 96 -9.31 13.12 8.97
CA VAL A 96 -9.22 11.88 9.71
C VAL A 96 -7.85 11.27 9.49
N ALA A 97 -7.48 10.30 10.33
CA ALA A 97 -6.30 9.47 10.06
C ALA A 97 -6.74 8.13 9.46
N PHE A 98 -5.76 7.40 8.94
CA PHE A 98 -6.02 6.06 8.44
C PHE A 98 -5.01 5.07 9.02
N SER A 99 -5.47 3.86 9.30
CA SER A 99 -4.56 2.80 9.66
C SER A 99 -3.66 2.41 8.49
N ASN A 100 -2.65 1.62 8.78
CA ASN A 100 -1.94 0.95 7.72
C ASN A 100 -2.92 0.27 6.80
N SER A 101 -2.59 0.23 5.52
CA SER A 101 -3.56 -0.28 4.57
C SER A 101 -3.94 -1.73 4.79
N ILE A 102 -5.21 -2.00 4.58
CA ILE A 102 -5.71 -3.36 4.57
C ILE A 102 -5.67 -3.99 3.18
N SER A 103 -5.56 -3.19 2.13
CA SER A 103 -5.59 -3.68 0.75
C SER A 103 -5.06 -2.62 -0.17
N ASP A 104 -4.41 -3.04 -1.25
CA ASP A 104 -4.17 -2.11 -2.32
C ASP A 104 -5.49 -1.92 -3.08
N ASN A 105 -5.53 -0.96 -3.96
CA ASN A 105 -6.74 -0.68 -4.73
C ASN A 105 -6.35 0.05 -5.99
N SER A 106 -7.23 -0.02 -6.97
CA SER A 106 -7.14 0.81 -8.16
C SER A 106 -8.54 0.81 -8.72
N MET A 107 -8.78 1.59 -9.75
CA MET A 107 -10.09 1.62 -10.40
C MET A 107 -10.03 1.12 -11.81
N ARG A 108 -11.19 0.68 -12.30
CA ARG A 108 -11.34 0.33 -13.70
C ARG A 108 -12.59 0.96 -14.29
N ILE A 109 -12.63 1.04 -15.62
CA ILE A 109 -13.81 1.49 -16.32
C ILE A 109 -14.81 0.35 -16.42
N LEU A 110 -16.04 0.62 -15.97
CA LEU A 110 -17.16 -0.30 -16.04
C LEU A 110 -18.09 0.07 -17.18
N MET A 111 -18.52 -0.92 -17.97
CA MET A 111 -19.39 -0.64 -19.11
C MET A 111 -20.24 -1.86 -19.46
N ARG A 112 -21.18 -1.72 -20.39
CA ARG A 112 -21.92 -2.88 -20.90
C ARG A 112 -21.01 -3.63 -21.86
N LYS A 113 -21.12 -4.94 -21.88
CA LYS A 113 -20.40 -5.70 -22.88
C LYS A 113 -20.76 -5.20 -24.26
N GLY A 114 -19.76 -5.09 -25.11
CA GLY A 114 -19.98 -4.73 -26.50
C GLY A 114 -19.63 -3.28 -26.79
N THR A 115 -19.58 -2.46 -25.74
CA THR A 115 -19.33 -1.03 -25.91
C THR A 115 -17.93 -0.82 -26.45
N LEU A 116 -17.80 0.12 -27.37
CA LEU A 116 -16.51 0.32 -28.02
C LEU A 116 -15.71 1.43 -27.32
N ILE A 117 -15.06 1.03 -26.25
CA ILE A 117 -14.16 1.88 -25.49
C ILE A 117 -12.85 1.11 -25.32
N ASP A 118 -11.73 1.76 -25.63
CA ASP A 118 -10.40 1.15 -25.48
C ASP A 118 -9.83 1.37 -24.07
N GLY A 119 -10.06 2.56 -23.55
CA GLY A 119 -9.48 2.97 -22.27
C GLY A 119 -9.80 4.42 -21.92
N MET A 120 -9.08 4.95 -20.94
CA MET A 120 -9.38 6.26 -20.39
C MET A 120 -9.23 7.36 -21.44
N ASP A 121 -8.40 7.10 -22.44
CA ASP A 121 -8.21 8.05 -23.53
C ASP A 121 -9.52 8.46 -24.18
N ASP A 122 -10.42 7.51 -24.39
CA ASP A 122 -11.69 7.84 -25.01
C ASP A 122 -12.50 8.84 -24.17
N LEU A 123 -12.42 8.75 -22.85
CA LEU A 123 -13.12 9.71 -22.00
C LEU A 123 -12.43 11.07 -22.02
N LYS A 124 -11.11 11.05 -22.13
CA LYS A 124 -10.32 12.28 -22.13
C LYS A 124 -10.38 12.98 -23.50
N ASN A 125 -10.59 12.21 -24.56
CA ASN A 125 -10.66 12.78 -25.91
C ASN A 125 -12.08 13.15 -26.31
N GLY A 126 -13.04 12.96 -25.41
CA GLY A 126 -14.40 13.36 -25.67
C GLY A 126 -15.22 12.46 -26.57
N LYS A 127 -14.87 11.17 -26.62
N LYS A 127 -14.89 11.17 -26.62
CA LYS A 127 -15.63 10.19 -27.39
CA LYS A 127 -15.67 10.23 -27.42
C LYS A 127 -17.01 10.00 -26.73
C LYS A 127 -17.02 9.98 -26.73
N ILE A 128 -17.12 10.37 -25.46
CA ILE A 128 -18.35 10.13 -24.67
C ILE A 128 -19.00 11.42 -24.13
N PRO A 129 -20.26 11.69 -24.50
CA PRO A 129 -20.93 12.85 -23.89
C PRO A 129 -20.87 12.81 -22.35
N TYR A 130 -20.62 13.94 -21.71
CA TYR A 130 -20.38 13.93 -20.28
C TYR A 130 -21.58 13.42 -19.48
N ASN A 131 -22.79 13.67 -19.98
CA ASN A 131 -23.97 13.18 -19.28
C ASN A 131 -24.13 11.68 -19.48
N ARG A 132 -23.19 11.06 -20.17
CA ARG A 132 -23.26 9.60 -20.36
C ARG A 132 -22.07 8.92 -19.68
N ILE A 133 -21.35 9.70 -18.86
CA ILE A 133 -20.37 9.17 -17.95
C ILE A 133 -20.95 9.28 -16.58
N GLY A 134 -21.25 8.15 -15.97
CA GLY A 134 -21.80 8.17 -14.63
C GLY A 134 -20.72 8.15 -13.56
N ILE A 135 -20.89 8.99 -12.57
CA ILE A 135 -19.97 9.05 -11.44
C ILE A 135 -20.75 9.01 -10.14
N ARG A 136 -20.38 8.08 -9.27
N ARG A 136 -20.40 8.06 -9.27
CA ARG A 136 -20.99 8.02 -7.96
CA ARG A 136 -21.02 8.01 -7.95
C ARG A 136 -20.46 9.15 -7.08
C ARG A 136 -20.48 9.14 -7.08
N ILE A 137 -21.35 10.07 -6.72
CA ILE A 137 -20.92 11.21 -5.95
C ILE A 137 -20.48 10.77 -4.56
N GLY A 138 -19.53 11.51 -4.02
CA GLY A 138 -19.01 11.22 -2.69
C GLY A 138 -18.11 9.99 -2.62
N THR A 139 -17.60 9.58 -3.77
CA THR A 139 -16.57 8.57 -3.86
C THR A 139 -15.26 9.18 -4.33
N ALA A 140 -14.18 8.45 -4.10
CA ALA A 140 -12.88 8.91 -4.56
C ALA A 140 -12.85 9.12 -6.06
N GLY A 141 -13.62 8.31 -6.79
CA GLY A 141 -13.68 8.39 -8.23
C GLY A 141 -14.20 9.72 -8.70
N GLU A 142 -15.04 10.38 -7.91
CA GLU A 142 -15.52 11.71 -8.29
C GLU A 142 -14.33 12.69 -8.32
N ASP A 143 -13.46 12.63 -7.31
CA ASP A 143 -12.33 13.56 -7.30
C ASP A 143 -11.36 13.22 -8.41
N TYR A 144 -11.23 11.94 -8.73
CA TYR A 144 -10.43 11.60 -9.90
C TYR A 144 -10.99 12.21 -11.20
N TYR A 145 -12.27 12.04 -11.43
CA TYR A 145 -12.93 12.60 -12.60
C TYR A 145 -12.65 14.12 -12.68
N LEU A 146 -12.84 14.82 -11.57
CA LEU A 146 -12.73 16.27 -11.57
C LEU A 146 -11.30 16.71 -11.86
N ARG A 147 -10.32 15.95 -11.39
CA ARG A 147 -8.93 16.32 -11.64
C ARG A 147 -8.42 15.96 -13.03
N GLU A 148 -8.82 14.80 -13.52
CA GLU A 148 -8.23 14.23 -14.74
C GLU A 148 -9.09 14.37 -15.99
N ILE A 149 -10.40 14.51 -15.81
CA ILE A 149 -11.29 14.51 -16.97
C ILE A 149 -11.89 15.88 -17.25
N SER A 150 -12.52 16.50 -16.25
CA SER A 150 -13.38 17.66 -16.51
C SER A 150 -12.84 19.01 -16.05
N GLY A 151 -11.61 19.03 -15.58
CA GLY A 151 -11.01 20.26 -15.08
C GLY A 151 -11.83 20.97 -14.01
N GLY A 152 -12.47 20.21 -13.13
CA GLY A 152 -13.10 20.78 -11.99
C GLY A 152 -14.61 20.91 -12.13
N SER A 153 -15.15 20.62 -13.31
CA SER A 153 -16.57 20.80 -13.58
C SER A 153 -17.37 19.55 -13.23
N ARG A 154 -18.39 19.70 -12.39
CA ARG A 154 -19.26 18.57 -12.07
C ARG A 154 -20.29 18.39 -13.18
N ASN A 155 -19.83 17.88 -14.32
CA ASN A 155 -20.68 17.79 -15.50
C ASN A 155 -21.03 16.36 -15.94
N PHE A 156 -20.82 15.41 -15.02
CA PHE A 156 -21.10 14.00 -15.22
C PHE A 156 -22.58 13.70 -14.94
N TYR A 157 -22.99 12.48 -15.26
CA TYR A 157 -24.28 11.96 -14.80
C TYR A 157 -24.11 11.47 -13.38
N PRO A 158 -24.73 12.16 -12.43
CA PRO A 158 -24.49 11.81 -11.03
C PRO A 158 -25.23 10.54 -10.68
N LEU A 159 -24.59 9.69 -9.90
CA LEU A 159 -25.21 8.45 -9.42
C LEU A 159 -25.23 8.46 -7.92
N LYS A 160 -26.35 8.02 -7.36
CA LYS A 160 -26.52 8.00 -5.91
C LYS A 160 -26.16 6.69 -5.25
N SER A 161 -25.90 5.65 -6.04
CA SER A 161 -25.63 4.32 -5.51
C SER A 161 -25.01 3.42 -6.57
N ARG A 162 -24.43 2.31 -6.15
CA ARG A 162 -23.98 1.32 -7.13
C ARG A 162 -25.18 0.81 -7.93
N GLN A 163 -26.31 0.61 -7.28
CA GLN A 163 -27.45 0.06 -7.99
C GLN A 163 -27.88 1.01 -9.11
N GLU A 164 -27.83 2.32 -8.85
CA GLU A 164 -28.20 3.27 -9.89
C GLU A 164 -27.15 3.21 -11.02
N MET A 165 -25.89 3.01 -10.64
CA MET A 165 -24.82 2.82 -11.62
C MET A 165 -25.10 1.62 -12.54
N TYR A 166 -25.40 0.45 -11.97
CA TYR A 166 -25.68 -0.74 -12.77
C TYR A 166 -26.94 -0.57 -13.61
N ASP A 167 -28.00 -0.04 -13.00
CA ASP A 167 -29.28 0.06 -13.71
C ASP A 167 -29.14 1.03 -14.88
N SER A 168 -28.35 2.08 -14.69
CA SER A 168 -28.21 3.11 -15.71
C SER A 168 -27.37 2.61 -16.87
N LEU A 169 -26.37 1.79 -16.57
CA LEU A 169 -25.59 1.14 -17.63
C LEU A 169 -26.45 0.14 -18.38
N LEU A 170 -27.19 -0.70 -17.66
CA LEU A 170 -28.00 -1.71 -18.33
C LEU A 170 -29.11 -1.09 -19.19
N ALA A 171 -29.72 0.00 -18.72
CA ALA A 171 -30.80 0.69 -19.44
C ALA A 171 -30.30 1.59 -20.56
N GLY A 172 -28.98 1.73 -20.66
CA GLY A 172 -28.39 2.54 -21.71
C GLY A 172 -28.47 4.04 -21.48
N ILE A 173 -28.66 4.46 -20.23
CA ILE A 173 -28.72 5.88 -19.89
C ILE A 173 -27.31 6.49 -19.82
N ILE A 174 -26.34 5.70 -19.37
CA ILE A 174 -24.92 6.06 -19.45
C ILE A 174 -24.13 4.97 -20.18
N ASP A 175 -22.93 5.31 -20.68
CA ASP A 175 -22.05 4.36 -21.37
C ASP A 175 -20.96 3.77 -20.48
N VAL A 176 -20.45 4.57 -19.54
CA VAL A 176 -19.39 4.10 -18.65
C VAL A 176 -19.53 4.65 -17.25
N SER A 177 -18.88 3.97 -16.30
CA SER A 177 -18.60 4.54 -14.99
C SER A 177 -17.23 4.06 -14.53
N PHE A 178 -16.84 4.48 -13.32
CA PHE A 178 -15.62 3.98 -12.68
C PHE A 178 -15.96 3.14 -11.47
N MET A 179 -15.16 2.11 -11.20
CA MET A 179 -15.39 1.29 -10.02
C MET A 179 -14.07 0.78 -9.49
N ASP A 180 -13.96 0.64 -8.17
CA ASP A 180 -12.81 -0.02 -7.57
C ASP A 180 -12.68 -1.47 -8.10
N ILE A 181 -11.44 -1.91 -8.29
CA ILE A 181 -11.20 -3.16 -8.97
C ILE A 181 -11.71 -4.41 -8.25
N GLY A 182 -11.57 -4.47 -6.93
CA GLY A 182 -12.02 -5.64 -6.18
C GLY A 182 -13.51 -5.92 -6.32
N THR A 183 -14.32 -4.92 -6.02
CA THR A 183 -15.77 -5.04 -6.19
C THR A 183 -16.20 -5.09 -7.66
N ALA A 184 -15.48 -4.39 -8.54
CA ALA A 184 -15.85 -4.40 -9.95
C ALA A 184 -15.71 -5.81 -10.50
N GLU A 185 -14.60 -6.46 -10.20
CA GLU A 185 -14.40 -7.86 -10.61
C GLU A 185 -15.48 -8.75 -10.01
N TYR A 186 -15.76 -8.58 -8.73
CA TYR A 186 -16.80 -9.40 -8.11
C TYR A 186 -18.16 -9.26 -8.80
N VAL A 187 -18.60 -8.03 -9.00
CA VAL A 187 -19.93 -7.83 -9.55
C VAL A 187 -19.99 -8.29 -10.99
N THR A 188 -18.98 -8.00 -11.79
CA THR A 188 -19.05 -8.39 -13.19
C THR A 188 -18.79 -9.89 -13.38
N ASN A 189 -18.15 -10.55 -12.40
CA ASN A 189 -17.96 -12.00 -12.49
C ASN A 189 -19.06 -12.82 -11.81
N ASN A 190 -19.97 -12.19 -11.07
CA ASN A 190 -20.97 -12.96 -10.31
C ASN A 190 -22.42 -12.50 -10.34
N ILE A 191 -22.64 -11.24 -10.63
CA ILE A 191 -23.97 -10.67 -10.49
C ILE A 191 -24.49 -10.16 -11.81
N TYR A 192 -23.73 -9.26 -12.43
CA TYR A 192 -24.08 -8.68 -13.72
C TYR A 192 -23.16 -9.18 -14.83
N CYS A 193 -23.48 -10.33 -15.40
CA CYS A 193 -22.61 -10.98 -16.35
C CYS A 193 -22.51 -10.23 -17.70
N ASN A 194 -23.41 -9.27 -17.93
CA ASN A 194 -23.42 -8.51 -19.18
C ASN A 194 -22.79 -7.13 -19.00
N LEU A 195 -22.21 -6.88 -17.84
CA LEU A 195 -21.34 -5.72 -17.65
C LEU A 195 -19.90 -6.24 -17.66
N THR A 196 -18.96 -5.37 -17.95
CA THR A 196 -17.57 -5.77 -18.03
C THR A 196 -16.62 -4.62 -17.72
N LEU A 197 -15.35 -4.94 -17.62
CA LEU A 197 -14.32 -3.95 -17.32
C LEU A 197 -13.42 -3.79 -18.52
N VAL A 198 -12.89 -2.57 -18.69
CA VAL A 198 -12.05 -2.28 -19.84
C VAL A 198 -10.90 -1.31 -19.50
N GLY A 199 -9.77 -1.45 -20.21
CA GLY A 199 -8.68 -0.51 -20.07
C GLY A 199 -7.73 -0.81 -18.93
N GLU A 200 -6.68 -0.01 -18.82
CA GLU A 200 -5.70 -0.20 -17.76
C GLU A 200 -6.29 0.31 -16.43
N ASP A 201 -5.86 -0.27 -15.34
CA ASP A 201 -6.35 0.25 -14.07
C ASP A 201 -5.70 1.60 -13.82
N PHE A 202 -6.37 2.43 -13.03
CA PHE A 202 -5.95 3.81 -12.78
C PHE A 202 -6.21 4.17 -11.32
N ASP A 203 -5.63 5.30 -10.91
CA ASP A 203 -5.73 5.79 -9.54
C ASP A 203 -5.33 4.75 -8.50
N LYS A 204 -4.13 4.21 -8.64
CA LYS A 204 -3.62 3.25 -7.66
C LYS A 204 -3.63 3.92 -6.28
N SER A 205 -4.15 3.18 -5.31
CA SER A 205 -4.43 3.72 -4.02
C SER A 205 -4.45 2.59 -3.01
N THR A 206 -4.92 2.89 -1.80
CA THR A 206 -5.09 1.87 -0.77
C THR A 206 -6.40 2.03 -0.04
N PHE A 207 -6.83 0.98 0.64
CA PHE A 207 -7.94 1.06 1.57
C PHE A 207 -7.34 1.03 2.97
N GLY A 208 -7.85 1.88 3.87
CA GLY A 208 -7.39 1.88 5.24
C GLY A 208 -8.57 2.03 6.20
N ILE A 209 -8.38 1.64 7.44
CA ILE A 209 -9.38 1.85 8.48
C ILE A 209 -9.33 3.31 8.88
N VAL A 210 -10.51 3.94 8.90
CA VAL A 210 -10.60 5.34 9.27
C VAL A 210 -10.58 5.48 10.78
N THR A 211 -9.73 6.36 11.30
CA THR A 211 -9.67 6.63 12.72
C THR A 211 -9.64 8.13 12.97
N PRO A 212 -9.89 8.57 14.22
CA PRO A 212 -9.76 10.00 14.48
C PRO A 212 -8.32 10.43 14.29
N LYS A 213 -8.11 11.71 13.99
CA LYS A 213 -6.74 12.21 13.99
C LYS A 213 -6.13 12.13 15.38
N GLU A 214 -4.83 11.88 15.44
CA GLU A 214 -4.11 11.83 16.73
C GLU A 214 -4.76 10.85 17.72
N TRP A 215 -5.17 9.69 17.20
CA TRP A 215 -5.92 8.74 18.02
C TRP A 215 -5.02 8.05 19.03
N LEU A 216 -5.54 7.90 20.25
CA LEU A 216 -4.89 7.20 21.35
C LEU A 216 -4.47 5.78 21.00
N TYR A 217 -5.27 5.11 20.18
CA TYR A 217 -5.09 3.68 19.93
C TYR A 217 -4.42 3.36 18.57
N ALA A 218 -3.85 4.37 17.91
CA ALA A 218 -3.32 4.20 16.55
C ALA A 218 -2.29 3.08 16.45
N LYS A 219 -1.34 3.07 17.36
CA LYS A 219 -0.30 2.03 17.31
C LYS A 219 -0.86 0.62 17.48
N ASP A 220 -1.76 0.42 18.44
CA ASP A 220 -2.31 -0.92 18.72
C ASP A 220 -2.97 -1.45 17.45
N LEU A 221 -3.74 -0.60 16.79
CA LEU A 221 -4.47 -1.03 15.61
C LEU A 221 -3.51 -1.34 14.46
N ASP A 222 -2.55 -0.45 14.22
CA ASP A 222 -1.62 -0.63 13.12
C ASP A 222 -0.76 -1.91 13.28
N VAL A 223 -0.28 -2.13 14.51
CA VAL A 223 0.53 -3.32 14.74
C VAL A 223 -0.27 -4.57 14.44
N ASN A 224 -1.54 -4.57 14.81
CA ASN A 224 -2.36 -5.72 14.59
C ASN A 224 -2.74 -5.93 13.14
N ILE A 225 -3.00 -4.84 12.43
CA ILE A 225 -3.27 -4.96 11.00
C ILE A 225 -2.03 -5.53 10.27
N LEU A 226 -0.85 -5.02 10.61
CA LEU A 226 0.37 -5.48 9.97
C LEU A 226 0.65 -6.93 10.29
N SER A 227 0.29 -7.36 11.50
CA SER A 227 0.44 -8.75 11.87
C SER A 227 -0.49 -9.63 11.03
N LEU A 228 -1.74 -9.20 10.83
CA LEU A 228 -2.62 -9.97 9.97
C LEU A 228 -2.08 -10.05 8.53
N ARG A 229 -1.47 -8.98 8.05
CA ARG A 229 -0.87 -8.96 6.72
C ARG A 229 0.24 -10.01 6.67
N GLU A 230 1.16 -9.93 7.62
CA GLU A 230 2.37 -10.75 7.63
C GLU A 230 2.08 -12.25 7.73
N THR A 231 1.06 -12.60 8.51
CA THR A 231 0.72 -13.99 8.73
C THR A 231 -0.21 -14.55 7.65
N GLY A 232 -0.61 -13.71 6.70
CA GLY A 232 -1.40 -14.17 5.58
C GLY A 232 -2.90 -14.12 5.76
N ILE A 233 -3.38 -13.63 6.90
CA ILE A 233 -4.81 -13.62 7.17
C ILE A 233 -5.55 -12.72 6.17
N LEU A 234 -4.99 -11.55 5.86
CA LEU A 234 -5.63 -10.64 4.94
C LEU A 234 -5.74 -11.27 3.56
N ASP A 235 -4.71 -12.00 3.14
CA ASP A 235 -4.77 -12.71 1.85
C ASP A 235 -5.81 -13.81 1.88
N ASN A 236 -5.88 -14.56 2.98
CA ASN A 236 -6.91 -15.57 3.15
C ASN A 236 -8.30 -15.00 3.03
N LEU A 237 -8.54 -13.86 3.67
CA LEU A 237 -9.85 -13.25 3.65
C LEU A 237 -10.19 -12.79 2.25
N LYS A 238 -9.21 -12.27 1.53
CA LYS A 238 -9.47 -11.80 0.17
C LYS A 238 -9.87 -12.96 -0.71
N LYS A 239 -9.11 -14.06 -0.60
CA LYS A 239 -9.43 -15.26 -1.36
C LYS A 239 -10.83 -15.77 -1.05
N LYS A 240 -11.15 -15.81 0.23
CA LYS A 240 -12.43 -16.34 0.68
C LYS A 240 -13.61 -15.62 0.05
N TRP A 241 -13.55 -14.29 0.04
CA TRP A 241 -14.69 -13.46 -0.37
C TRP A 241 -14.68 -13.06 -1.84
N PHE A 242 -13.50 -13.00 -2.47
CA PHE A 242 -13.38 -12.49 -3.84
C PHE A 242 -13.07 -13.51 -4.95
N GLN A 243 -12.67 -14.73 -4.61
CA GLN A 243 -12.33 -15.68 -5.69
C GLN A 243 -13.49 -16.20 -6.56
N THR A 244 -14.73 -15.92 -6.19
CA THR A 244 -15.86 -16.57 -6.84
C THR A 244 -16.05 -16.04 -8.26
N LYS A 245 -16.53 -16.91 -9.16
CA LYS A 245 -16.89 -16.50 -10.51
C LYS A 245 -18.08 -17.32 -11.03
N ALA A 246 -19.29 -16.82 -10.78
CA ALA A 246 -20.54 -17.53 -11.13
C ALA A 246 -20.88 -17.38 -12.60
N CYS A 247 -20.41 -16.29 -13.22
CA CYS A 247 -20.78 -16.01 -14.61
C CYS A 247 -20.12 -17.00 -15.57
N PRO A 248 -20.88 -17.47 -16.58
CA PRO A 248 -20.36 -18.45 -17.54
C PRO A 248 -19.22 -17.91 -18.38
N GLY B 1 -1.41 17.72 19.52
CA GLY B 1 -1.87 18.52 18.35
C GLY B 1 -1.07 18.24 17.10
N SER B 2 -1.21 19.15 16.12
CA SER B 2 -0.51 19.04 14.84
C SER B 2 0.05 20.40 14.42
N ALA B 3 0.97 20.39 13.46
CA ALA B 3 1.51 21.60 12.90
C ALA B 3 2.09 21.33 11.53
N ARG B 4 2.46 22.39 10.83
CA ARG B 4 3.08 22.27 9.53
C ARG B 4 4.60 22.24 9.64
N LEU B 5 5.26 21.62 8.66
CA LEU B 5 6.71 21.53 8.66
C LEU B 5 7.39 22.75 8.06
N LYS B 6 6.61 23.74 7.61
CA LYS B 6 7.26 24.90 6.99
C LYS B 6 8.19 25.57 7.99
N GLY B 7 9.43 25.81 7.57
CA GLY B 7 10.41 26.47 8.43
C GLY B 7 11.20 25.55 9.36
N ILE B 8 10.78 24.30 9.45
CA ILE B 8 11.39 23.35 10.37
C ILE B 8 12.60 22.65 9.71
N THR B 9 13.66 22.41 10.49
CA THR B 9 14.79 21.62 10.00
C THR B 9 14.59 20.16 10.36
N LEU B 10 14.64 19.28 9.37
CA LEU B 10 14.51 17.86 9.62
C LEU B 10 15.81 17.15 9.33
N ARG B 11 16.31 16.40 10.32
CA ARG B 11 17.39 15.46 10.08
C ARG B 11 16.78 14.23 9.41
N ILE B 12 17.10 14.03 8.14
CA ILE B 12 16.52 12.96 7.35
C ILE B 12 17.51 11.85 7.13
N GLY B 13 17.26 10.70 7.77
CA GLY B 13 18.12 9.55 7.56
C GLY B 13 17.86 8.90 6.21
N VAL B 14 18.92 8.63 5.47
CA VAL B 14 18.84 7.85 4.24
C VAL B 14 19.88 6.72 4.30
N ILE B 15 19.71 5.72 3.46
CA ILE B 15 20.51 4.51 3.54
C ILE B 15 20.83 4.04 2.11
N GLU B 16 22.10 3.70 1.87
N GLU B 16 22.10 3.69 1.86
CA GLU B 16 22.54 3.40 0.51
CA GLU B 16 22.54 3.40 0.51
C GLU B 16 21.79 2.22 -0.07
C GLU B 16 21.79 2.22 -0.07
N SER B 17 21.24 2.41 -1.26
CA SER B 17 20.50 1.37 -1.99
C SER B 17 20.22 1.87 -3.40
N VAL B 18 20.95 1.37 -4.40
N VAL B 18 20.93 1.33 -4.39
CA VAL B 18 20.73 1.83 -5.76
CA VAL B 18 20.74 1.78 -5.77
C VAL B 18 19.45 1.22 -6.32
C VAL B 18 19.46 1.21 -6.35
N PRO B 19 18.62 2.04 -7.00
CA PRO B 19 18.73 3.47 -7.32
C PRO B 19 17.85 4.37 -6.43
N PHE B 20 17.51 3.91 -5.24
CA PHE B 20 16.81 4.77 -4.28
C PHE B 20 17.74 5.86 -3.74
N THR B 21 18.87 5.44 -3.17
CA THR B 21 19.86 6.36 -2.63
C THR B 21 21.23 5.92 -3.14
N ILE B 22 21.77 6.72 -4.03
CA ILE B 22 23.01 6.40 -4.76
C ILE B 22 24.12 7.27 -4.20
N VAL B 23 25.22 6.65 -3.78
CA VAL B 23 26.31 7.35 -3.11
C VAL B 23 27.49 7.34 -4.07
N ALA B 24 27.89 8.51 -4.51
CA ALA B 24 29.03 8.61 -5.41
C ALA B 24 30.18 9.24 -4.68
N ASN B 25 31.38 8.66 -4.79
CA ASN B 25 32.58 9.33 -4.34
C ASN B 25 33.07 10.17 -5.49
N VAL B 26 33.31 11.43 -5.21
CA VAL B 26 33.71 12.41 -6.19
C VAL B 26 34.86 13.19 -5.58
N ILE B 27 35.74 13.76 -6.42
CA ILE B 27 36.86 14.53 -5.91
C ILE B 27 37.04 15.80 -6.72
N THR B 34 34.74 14.15 -1.82
CA THR B 34 33.51 14.18 -1.05
C THR B 34 32.48 13.24 -1.64
N THR B 35 31.27 13.23 -1.06
CA THR B 35 30.22 12.35 -1.56
C THR B 35 29.04 13.13 -2.10
N LYS B 36 28.39 12.59 -3.11
CA LYS B 36 27.25 13.23 -3.72
C LYS B 36 26.16 12.18 -3.72
N LEU B 37 24.98 12.54 -3.24
CA LEU B 37 23.84 11.64 -3.19
C LEU B 37 22.85 11.98 -4.28
N THR B 38 22.38 10.94 -4.97
CA THR B 38 21.32 11.06 -5.95
C THR B 38 20.36 9.87 -5.83
N GLY B 39 19.27 9.94 -6.60
CA GLY B 39 18.34 8.82 -6.73
C GLY B 39 16.90 9.17 -6.41
N TYR B 40 16.03 8.17 -6.47
CA TYR B 40 14.61 8.36 -6.22
C TYR B 40 14.37 9.08 -4.88
N VAL B 41 15.08 8.66 -3.83
CA VAL B 41 14.92 9.26 -2.53
C VAL B 41 15.28 10.74 -2.48
N LEU B 42 16.38 11.10 -3.13
CA LEU B 42 16.82 12.47 -3.09
C LEU B 42 15.84 13.35 -3.90
N ASP B 43 15.31 12.82 -4.99
CA ASP B 43 14.31 13.56 -5.76
C ASP B 43 13.00 13.72 -4.98
N LEU B 44 12.62 12.67 -4.24
CA LEU B 44 11.40 12.74 -3.41
C LEU B 44 11.58 13.80 -2.33
N ILE B 45 12.76 13.80 -1.72
CA ILE B 45 13.04 14.79 -0.69
C ILE B 45 12.93 16.21 -1.27
N GLU B 46 13.47 16.42 -2.47
CA GLU B 46 13.32 17.73 -3.10
C GLU B 46 11.85 18.10 -3.34
N TYR B 47 11.04 17.17 -3.80
CA TYR B 47 9.60 17.44 -4.01
C TYR B 47 8.93 17.85 -2.73
N LEU B 48 9.23 17.12 -1.66
CA LEU B 48 8.64 17.41 -0.36
C LEU B 48 9.18 18.74 0.18
N ARG B 49 10.48 18.97 0.04
CA ARG B 49 11.10 20.20 0.56
C ARG B 49 10.47 21.40 -0.10
N ASP B 50 10.30 21.30 -1.40
CA ASP B 50 9.78 22.43 -2.18
C ASP B 50 8.34 22.70 -1.79
N LYS B 51 7.57 21.64 -1.58
CA LYS B 51 6.14 21.76 -1.26
C LYS B 51 5.85 22.16 0.18
N MET B 52 6.67 21.66 1.09
CA MET B 52 6.39 21.75 2.52
C MET B 52 7.24 22.81 3.22
N GLY B 53 8.40 23.14 2.66
CA GLY B 53 9.21 24.23 3.15
C GLY B 53 10.12 23.97 4.33
N PHE B 54 10.34 22.71 4.71
CA PHE B 54 11.31 22.39 5.74
C PHE B 54 12.73 22.55 5.19
N VAL B 55 13.71 22.60 6.07
CA VAL B 55 15.11 22.53 5.66
C VAL B 55 15.56 21.08 5.74
N ALA B 56 16.01 20.52 4.62
CA ALA B 56 16.40 19.12 4.59
C ALA B 56 17.87 18.99 5.02
N ASP B 57 18.09 18.36 6.16
CA ASP B 57 19.45 17.99 6.59
C ASP B 57 19.61 16.49 6.36
N VAL B 58 20.05 16.13 5.16
CA VAL B 58 20.11 14.73 4.77
C VAL B 58 21.36 14.06 5.35
N GLN B 59 21.16 12.96 6.05
CA GLN B 59 22.24 12.31 6.77
C GLN B 59 22.28 10.84 6.34
N LEU B 60 23.35 10.48 5.64
CA LEU B 60 23.54 9.11 5.18
C LEU B 60 23.90 8.23 6.37
N ALA B 61 23.17 7.13 6.56
CA ALA B 61 23.48 6.19 7.63
C ALA B 61 24.90 5.65 7.44
N PRO B 62 25.65 5.47 8.54
CA PRO B 62 26.97 4.84 8.49
C PRO B 62 26.96 3.55 7.68
N PRO B 63 28.11 3.17 7.09
CA PRO B 63 28.09 1.95 6.26
C PRO B 63 27.75 0.70 7.09
N ASN B 64 27.12 -0.28 6.45
CA ASN B 64 26.69 -1.48 7.16
C ASN B 64 25.70 -1.20 8.32
N THR B 65 25.17 0.02 8.43
CA THR B 65 23.97 0.21 9.23
C THR B 65 22.93 -0.67 8.57
N SER B 66 22.19 -1.47 9.35
CA SER B 66 21.16 -2.31 8.80
C SER B 66 19.84 -1.52 8.71
N TYR B 67 18.84 -2.06 8.03
CA TYR B 67 17.54 -1.37 7.96
C TYR B 67 16.90 -1.30 9.35
N THR B 68 16.93 -2.40 10.08
CA THR B 68 16.46 -2.36 11.46
C THR B 68 17.24 -1.35 12.31
N GLY B 69 18.55 -1.29 12.09
CA GLY B 69 19.44 -0.37 12.80
C GLY B 69 19.06 1.09 12.57
N LEU B 70 18.68 1.38 11.33
CA LEU B 70 18.25 2.73 10.96
C LEU B 70 16.98 3.11 11.74
N VAL B 71 16.01 2.20 11.76
CA VAL B 71 14.77 2.41 12.46
C VAL B 71 15.03 2.62 13.96
N LEU B 72 15.91 1.80 14.53
CA LEU B 72 16.25 1.91 15.94
C LEU B 72 16.95 3.24 16.26
N ALA B 73 17.81 3.69 15.34
CA ALA B 73 18.54 4.94 15.49
C ALA B 73 17.54 6.10 15.51
N LEU B 74 16.56 6.06 14.62
CA LEU B 74 15.51 7.08 14.62
C LEU B 74 14.70 7.04 15.93
N ALA B 75 14.31 5.84 16.37
CA ALA B 75 13.56 5.71 17.61
C ALA B 75 14.33 6.26 18.82
N ASN B 76 15.65 6.21 18.76
CA ASN B 76 16.49 6.68 19.85
C ASN B 76 16.79 8.17 19.72
N GLY B 77 16.26 8.80 18.68
CA GLY B 77 16.42 10.24 18.50
C GLY B 77 17.48 10.74 17.53
N ASP B 78 18.11 9.84 16.79
CA ASP B 78 19.26 10.21 15.97
C ASP B 78 18.88 10.90 14.66
N TYR B 79 17.61 10.74 14.26
CA TYR B 79 17.06 11.36 13.06
C TYR B 79 15.65 11.79 13.41
N ASP B 80 15.10 12.68 12.60
CA ASP B 80 13.71 13.07 12.71
C ASP B 80 12.79 12.20 11.84
N ILE B 81 13.15 11.99 10.58
CA ILE B 81 12.48 10.98 9.75
C ILE B 81 13.53 10.20 9.01
N ALA B 82 13.11 9.08 8.41
CA ALA B 82 14.01 8.29 7.59
C ALA B 82 13.27 7.89 6.32
N ILE B 83 13.91 8.12 5.18
CA ILE B 83 13.28 7.91 3.87
C ILE B 83 14.10 6.93 3.06
N GLY B 84 13.42 5.90 2.55
CA GLY B 84 14.12 4.87 1.83
C GLY B 84 13.21 3.72 1.44
N ASP B 85 13.84 2.67 0.93
CA ASP B 85 13.19 1.40 0.68
C ASP B 85 13.05 0.64 2.01
N ILE B 86 12.24 1.20 2.88
CA ILE B 86 12.09 0.73 4.25
C ILE B 86 10.73 0.07 4.44
N THR B 87 10.75 -1.22 4.71
CA THR B 87 9.51 -1.99 4.77
C THR B 87 8.74 -1.73 6.07
N VAL B 88 7.44 -1.50 5.92
CA VAL B 88 6.57 -1.32 7.06
C VAL B 88 6.28 -2.68 7.68
N THR B 89 6.72 -2.89 8.91
CA THR B 89 6.47 -4.17 9.56
C THR B 89 5.84 -3.95 10.91
N SER B 90 5.15 -4.96 11.38
N SER B 90 5.18 -4.99 11.41
CA SER B 90 4.53 -4.92 12.67
CA SER B 90 4.51 -4.95 12.72
C SER B 90 5.52 -4.61 13.80
C SER B 90 5.47 -4.72 13.90
N ALA B 91 6.65 -5.30 13.80
CA ALA B 91 7.65 -5.14 14.83
C ALA B 91 8.19 -3.70 14.84
N ARG B 92 8.40 -3.13 13.66
CA ARG B 92 8.90 -1.76 13.61
C ARG B 92 7.83 -0.78 14.05
N ARG B 93 6.58 -1.07 13.71
CA ARG B 93 5.48 -0.14 14.04
C ARG B 93 5.26 -0.03 15.56
N GLU B 94 5.73 -1.03 16.31
CA GLU B 94 5.69 -0.98 17.77
C GLU B 94 6.52 0.20 18.29
N ILE B 95 7.57 0.57 17.56
CA ILE B 95 8.52 1.57 18.07
C ILE B 95 8.63 2.89 17.30
N VAL B 96 8.11 2.93 16.06
CA VAL B 96 8.08 4.13 15.22
C VAL B 96 6.75 4.15 14.48
N ALA B 97 6.38 5.31 13.96
CA ALA B 97 5.27 5.42 13.05
C ALA B 97 5.75 5.45 11.60
N PHE B 98 4.82 5.22 10.68
CA PHE B 98 5.16 5.31 9.26
C PHE B 98 4.17 6.21 8.55
N SER B 99 4.64 6.95 7.56
CA SER B 99 3.76 7.71 6.69
C SER B 99 2.93 6.79 5.83
N ASN B 100 1.96 7.36 5.13
CA ASN B 100 1.30 6.61 4.10
C ASN B 100 2.35 6.06 3.18
N SER B 101 2.06 4.92 2.59
N SER B 101 2.02 4.92 2.58
CA SER B 101 3.06 4.22 1.80
CA SER B 101 2.94 4.19 1.70
C SER B 101 3.45 4.99 0.55
C SER B 101 3.45 5.03 0.54
N ILE B 102 4.76 4.98 0.30
CA ILE B 102 5.32 5.59 -0.90
C ILE B 102 5.39 4.61 -2.05
N SER B 103 5.24 3.31 -1.77
CA SER B 103 5.36 2.30 -2.82
C SER B 103 4.86 0.99 -2.28
N ASP B 104 4.29 0.18 -3.15
CA ASP B 104 4.12 -1.21 -2.78
C ASP B 104 5.44 -1.95 -2.92
N ASN B 105 5.46 -3.18 -2.44
CA ASN B 105 6.67 -3.98 -2.38
C ASN B 105 6.30 -5.43 -2.28
N SER B 106 7.25 -6.27 -2.67
CA SER B 106 7.20 -7.72 -2.46
C SER B 106 8.63 -8.16 -2.58
N MET B 107 8.88 -9.43 -2.31
CA MET B 107 10.24 -9.95 -2.42
C MET B 107 10.31 -10.98 -3.53
N ARG B 108 11.52 -11.19 -4.04
CA ARG B 108 11.83 -12.29 -4.95
C ARG B 108 13.05 -13.05 -4.52
N ILE B 109 13.15 -14.28 -5.01
CA ILE B 109 14.30 -15.10 -4.81
C ILE B 109 15.38 -14.74 -5.82
N LEU B 110 16.58 -14.47 -5.30
CA LEU B 110 17.74 -14.10 -6.10
C LEU B 110 18.72 -15.26 -6.14
N MET B 111 19.23 -15.55 -7.33
CA MET B 111 20.19 -16.65 -7.45
C MET B 111 21.14 -16.42 -8.62
N ARG B 112 22.15 -17.29 -8.72
CA ARG B 112 23.03 -17.31 -9.87
C ARG B 112 22.35 -18.02 -11.05
N LYS B 113 22.48 -17.48 -12.25
CA LYS B 113 21.90 -18.15 -13.41
C LYS B 113 22.40 -19.59 -13.49
N GLY B 114 21.53 -20.50 -13.90
CA GLY B 114 21.90 -21.90 -14.03
C GLY B 114 21.65 -22.74 -12.79
N THR B 115 21.35 -22.08 -11.68
CA THR B 115 21.10 -22.78 -10.42
C THR B 115 19.78 -23.54 -10.50
N LEU B 116 19.73 -24.79 -10.04
CA LEU B 116 18.53 -25.60 -10.24
C LEU B 116 17.53 -25.40 -9.08
N ILE B 117 16.87 -24.26 -9.13
CA ILE B 117 15.85 -23.86 -8.15
C ILE B 117 14.66 -23.34 -8.97
N ASP B 118 13.45 -23.82 -8.68
CA ASP B 118 12.25 -23.42 -9.43
C ASP B 118 11.42 -22.40 -8.67
N GLY B 119 11.70 -22.23 -7.39
CA GLY B 119 10.99 -21.24 -6.61
C GLY B 119 10.97 -21.62 -5.16
N MET B 120 10.02 -21.04 -4.42
CA MET B 120 10.03 -21.11 -2.97
C MET B 120 9.81 -22.53 -2.44
N ASP B 121 9.10 -23.37 -3.18
CA ASP B 121 8.90 -24.73 -2.69
C ASP B 121 10.23 -25.45 -2.52
N ASP B 122 11.21 -25.11 -3.36
CA ASP B 122 12.53 -25.72 -3.22
C ASP B 122 13.20 -25.32 -1.90
N LEU B 123 12.96 -24.09 -1.42
CA LEU B 123 13.48 -23.72 -0.12
C LEU B 123 12.70 -24.38 1.01
N LYS B 124 11.39 -24.49 0.84
CA LYS B 124 10.54 -24.96 1.92
C LYS B 124 10.59 -26.48 2.05
N ASN B 125 11.03 -27.14 0.98
CA ASN B 125 11.10 -28.60 0.97
C ASN B 125 12.50 -29.12 1.26
N GLY B 126 13.42 -28.22 1.57
CA GLY B 126 14.75 -28.65 1.97
C GLY B 126 15.68 -29.05 0.84
N LYS B 127 15.42 -28.56 -0.36
CA LYS B 127 16.29 -28.89 -1.50
C LYS B 127 17.63 -28.16 -1.39
N ILE B 128 17.60 -27.02 -0.70
CA ILE B 128 18.79 -26.21 -0.48
C ILE B 128 19.13 -26.31 1.00
N PRO B 129 20.38 -26.64 1.33
CA PRO B 129 20.79 -26.65 2.74
C PRO B 129 20.54 -25.29 3.34
N TYR B 130 20.03 -25.23 4.58
CA TYR B 130 19.67 -23.94 5.15
C TYR B 130 20.87 -22.99 5.20
N ASN B 131 22.07 -23.51 5.44
CA ASN B 131 23.25 -22.66 5.53
C ASN B 131 23.77 -22.20 4.18
N ARG B 132 23.05 -22.54 3.12
CA ARG B 132 23.37 -21.99 1.80
C ARG B 132 22.26 -21.06 1.34
N ILE B 133 21.31 -20.80 2.24
CA ILE B 133 20.38 -19.69 2.05
C ILE B 133 20.92 -18.44 2.73
N GLY B 134 21.27 -17.43 1.97
CA GLY B 134 21.82 -16.23 2.56
C GLY B 134 20.74 -15.23 2.88
N ILE B 135 20.78 -14.64 4.07
CA ILE B 135 19.78 -13.66 4.46
C ILE B 135 20.50 -12.46 5.06
N ARG B 136 20.16 -11.27 4.58
N ARG B 136 20.15 -11.27 4.60
CA ARG B 136 20.68 -10.03 5.15
CA ARG B 136 20.73 -10.06 5.15
C ARG B 136 20.06 -9.76 6.51
C ARG B 136 20.07 -9.74 6.48
N ILE B 137 20.87 -9.81 7.56
CA ILE B 137 20.33 -9.52 8.88
C ILE B 137 19.85 -8.08 9.01
N GLY B 138 18.86 -7.86 9.86
CA GLY B 138 18.28 -6.53 10.05
C GLY B 138 17.44 -6.08 8.87
N THR B 139 16.89 -7.02 8.12
CA THR B 139 15.94 -6.75 7.06
C THR B 139 14.63 -7.45 7.32
N ALA B 140 13.57 -6.95 6.70
CA ALA B 140 12.26 -7.58 6.82
C ALA B 140 12.28 -9.03 6.32
N GLY B 141 13.12 -9.30 5.31
CA GLY B 141 13.28 -10.62 4.74
C GLY B 141 13.76 -11.66 5.75
N GLU B 142 14.54 -11.21 6.73
CA GLU B 142 14.96 -12.10 7.82
C GLU B 142 13.78 -12.54 8.66
N ASP B 143 12.88 -11.62 9.00
CA ASP B 143 11.71 -12.00 9.77
C ASP B 143 10.80 -12.95 8.98
N TYR B 144 10.68 -12.73 7.67
CA TYR B 144 9.92 -13.62 6.84
C TYR B 144 10.53 -15.04 6.84
N TYR B 145 11.84 -15.12 6.66
CA TYR B 145 12.52 -16.39 6.68
C TYR B 145 12.23 -17.12 7.95
N LEU B 146 12.40 -16.42 9.06
CA LEU B 146 12.24 -17.05 10.36
C LEU B 146 10.80 -17.51 10.63
N ARG B 147 9.82 -16.74 10.16
CA ARG B 147 8.43 -17.17 10.30
C ARG B 147 8.02 -18.29 9.34
N GLU B 148 8.42 -18.21 8.08
CA GLU B 148 7.86 -19.07 7.03
C GLU B 148 8.70 -20.24 6.57
N ILE B 149 10.03 -20.13 6.72
CA ILE B 149 10.91 -21.16 6.22
C ILE B 149 11.45 -22.05 7.32
N SER B 150 12.01 -21.45 8.37
CA SER B 150 12.83 -22.20 9.32
C SER B 150 12.19 -22.44 10.68
N GLY B 151 10.93 -22.05 10.84
CA GLY B 151 10.23 -22.27 12.09
C GLY B 151 10.90 -21.60 13.26
N GLY B 152 11.55 -20.47 13.00
CA GLY B 152 12.18 -19.69 14.05
C GLY B 152 13.67 -19.90 14.25
N SER B 153 14.23 -20.89 13.57
CA SER B 153 15.64 -21.20 13.72
C SER B 153 16.50 -20.28 12.85
N ARG B 154 17.48 -19.65 13.49
CA ARG B 154 18.46 -18.82 12.80
C ARG B 154 19.51 -19.63 12.06
N ASN B 155 19.09 -20.37 11.04
CA ASN B 155 19.99 -21.32 10.41
C ASN B 155 20.41 -20.96 8.98
N PHE B 156 20.13 -19.71 8.61
CA PHE B 156 20.55 -19.17 7.33
C PHE B 156 22.00 -18.74 7.40
N TYR B 157 22.60 -18.47 6.25
CA TYR B 157 23.92 -17.86 6.17
C TYR B 157 23.77 -16.35 6.30
N PRO B 158 24.27 -15.76 7.39
CA PRO B 158 24.03 -14.33 7.61
C PRO B 158 24.86 -13.44 6.69
N LEU B 159 24.24 -12.37 6.17
CA LEU B 159 24.92 -11.43 5.29
C LEU B 159 24.82 -10.03 5.88
N LYS B 160 25.93 -9.28 5.80
CA LYS B 160 26.02 -7.99 6.43
C LYS B 160 25.63 -6.83 5.50
N SER B 161 25.58 -7.11 4.19
CA SER B 161 25.29 -6.09 3.19
C SER B 161 24.83 -6.70 1.88
N ARG B 162 24.27 -5.89 0.98
CA ARG B 162 23.94 -6.37 -0.36
C ARG B 162 25.20 -6.81 -1.10
N GLN B 163 26.31 -6.09 -0.94
CA GLN B 163 27.52 -6.49 -1.60
C GLN B 163 27.93 -7.90 -1.19
N GLU B 164 27.85 -8.21 0.10
CA GLU B 164 28.20 -9.55 0.55
C GLU B 164 27.25 -10.57 -0.06
N MET B 165 25.99 -10.19 -0.22
CA MET B 165 25.01 -11.06 -0.85
C MET B 165 25.40 -11.37 -2.30
N TYR B 166 25.73 -10.34 -3.06
CA TYR B 166 26.09 -10.53 -4.46
C TYR B 166 27.38 -11.34 -4.56
N ASP B 167 28.38 -10.96 -3.77
CA ASP B 167 29.67 -11.63 -3.84
C ASP B 167 29.55 -13.10 -3.45
N SER B 168 28.73 -13.40 -2.44
CA SER B 168 28.64 -14.80 -2.00
C SER B 168 27.90 -15.65 -3.01
N LEU B 169 26.86 -15.09 -3.64
CA LEU B 169 26.19 -15.79 -4.71
C LEU B 169 27.14 -16.07 -5.86
N LEU B 170 27.88 -15.05 -6.27
CA LEU B 170 28.73 -15.23 -7.45
C LEU B 170 29.87 -16.22 -7.17
N ALA B 171 30.37 -16.25 -5.94
CA ALA B 171 31.45 -17.16 -5.55
C ALA B 171 30.97 -18.56 -5.15
N GLY B 172 29.66 -18.76 -5.09
CA GLY B 172 29.13 -20.07 -4.82
C GLY B 172 29.12 -20.43 -3.35
N ILE B 173 29.21 -19.41 -2.49
CA ILE B 173 29.16 -19.63 -1.05
C ILE B 173 27.72 -19.85 -0.57
N ILE B 174 26.78 -19.18 -1.23
CA ILE B 174 25.37 -19.42 -0.98
C ILE B 174 24.70 -19.70 -2.30
N ASP B 175 23.54 -20.35 -2.25
CA ASP B 175 22.77 -20.69 -3.44
C ASP B 175 21.65 -19.71 -3.78
N VAL B 176 21.07 -19.08 -2.76
CA VAL B 176 19.96 -18.17 -2.94
C VAL B 176 19.92 -17.10 -1.86
N SER B 177 19.24 -15.98 -2.15
CA SER B 177 18.86 -15.03 -1.11
C SER B 177 17.52 -14.43 -1.47
N PHE B 178 17.05 -13.51 -0.63
CA PHE B 178 15.83 -12.76 -0.89
C PHE B 178 16.14 -11.29 -1.12
N MET B 179 15.40 -10.63 -2.00
CA MET B 179 15.56 -9.20 -2.23
C MET B 179 14.21 -8.58 -2.52
N ASP B 180 14.01 -7.32 -2.12
CA ASP B 180 12.85 -6.57 -2.53
C ASP B 180 12.81 -6.49 -4.04
N ILE B 181 11.60 -6.49 -4.61
CA ILE B 181 11.44 -6.63 -6.04
C ILE B 181 12.02 -5.46 -6.86
N GLY B 182 11.84 -4.24 -6.40
CA GLY B 182 12.30 -3.11 -7.19
C GLY B 182 13.80 -3.10 -7.38
N THR B 183 14.54 -3.20 -6.29
CA THR B 183 15.99 -3.28 -6.38
C THR B 183 16.48 -4.61 -6.96
N ALA B 184 15.73 -5.69 -6.73
CA ALA B 184 16.09 -6.99 -7.30
C ALA B 184 16.08 -6.94 -8.84
N GLU B 185 15.01 -6.40 -9.39
CA GLU B 185 14.93 -6.19 -10.84
C GLU B 185 16.05 -5.26 -11.30
N TYR B 186 16.25 -4.17 -10.55
CA TYR B 186 17.23 -3.17 -10.98
C TYR B 186 18.62 -3.81 -11.10
N VAL B 187 19.03 -4.51 -10.06
N VAL B 187 19.05 -4.49 -10.03
CA VAL B 187 20.39 -5.03 -10.00
CA VAL B 187 20.40 -5.05 -9.97
C VAL B 187 20.61 -6.18 -10.99
C VAL B 187 20.59 -6.16 -11.01
N THR B 188 19.60 -7.02 -11.17
CA THR B 188 19.73 -8.15 -12.10
C THR B 188 19.59 -7.69 -13.56
N ASN B 189 18.94 -6.56 -13.78
CA ASN B 189 18.78 -6.04 -15.14
C ASN B 189 19.85 -5.04 -15.53
N ASN B 190 20.68 -4.61 -14.57
CA ASN B 190 21.62 -3.52 -14.84
C ASN B 190 23.04 -3.68 -14.32
N ILE B 191 23.23 -4.52 -13.32
CA ILE B 191 24.53 -4.60 -12.67
C ILE B 191 25.11 -6.02 -12.76
N TYR B 192 24.44 -7.00 -12.16
CA TYR B 192 24.90 -8.38 -12.21
C TYR B 192 24.08 -9.19 -13.19
N CYS B 193 24.53 -9.22 -14.44
CA CYS B 193 23.75 -9.82 -15.51
C CYS B 193 23.68 -11.34 -15.34
N ASN B 194 24.60 -11.88 -14.53
CA ASN B 194 24.69 -13.30 -14.30
C ASN B 194 23.91 -13.73 -13.05
N LEU B 195 23.29 -12.78 -12.36
CA LEU B 195 22.31 -13.12 -11.34
C LEU B 195 20.92 -13.03 -11.94
N THR B 196 19.96 -13.73 -11.34
CA THR B 196 18.60 -13.75 -11.85
C THR B 196 17.57 -13.96 -10.74
N LEU B 197 16.31 -13.77 -11.08
CA LEU B 197 15.21 -13.91 -10.12
C LEU B 197 14.37 -15.11 -10.53
N VAL B 198 13.82 -15.83 -9.56
CA VAL B 198 13.05 -17.03 -9.86
C VAL B 198 11.85 -17.13 -8.93
N GLY B 199 10.80 -17.76 -9.41
CA GLY B 199 9.61 -17.97 -8.59
C GLY B 199 8.64 -16.80 -8.55
N GLU B 200 7.52 -17.01 -7.88
CA GLU B 200 6.53 -15.96 -7.66
C GLU B 200 7.01 -15.03 -6.58
N ASP B 201 6.55 -13.78 -6.62
CA ASP B 201 6.94 -12.86 -5.57
C ASP B 201 6.17 -13.22 -4.33
N PHE B 202 6.66 -12.73 -3.18
CA PHE B 202 6.13 -13.14 -1.89
C PHE B 202 6.25 -11.96 -0.91
N ASP B 203 5.60 -12.09 0.24
CA ASP B 203 5.58 -11.05 1.27
C ASP B 203 5.15 -9.68 0.74
N LYS B 204 3.97 -9.62 0.14
N LYS B 204 3.96 -9.61 0.14
CA LYS B 204 3.43 -8.34 -0.30
CA LYS B 204 3.43 -8.33 -0.31
C LYS B 204 3.42 -7.37 0.88
C LYS B 204 3.36 -7.36 0.86
N SER B 205 3.97 -6.19 0.66
CA SER B 205 4.23 -5.25 1.73
C SER B 205 4.29 -3.85 1.16
N THR B 206 4.69 -2.89 1.99
CA THR B 206 4.83 -1.50 1.54
C THR B 206 6.09 -0.85 2.09
N PHE B 207 6.50 0.24 1.45
CA PHE B 207 7.54 1.08 1.98
C PHE B 207 6.87 2.37 2.51
N GLY B 208 7.34 2.88 3.64
CA GLY B 208 6.81 4.09 4.25
C GLY B 208 7.95 4.93 4.80
N ILE B 209 7.71 6.22 4.97
CA ILE B 209 8.67 7.08 5.62
C ILE B 209 8.56 6.86 7.13
N VAL B 210 9.70 6.65 7.79
CA VAL B 210 9.71 6.41 9.22
C VAL B 210 9.65 7.74 9.93
N THR B 211 8.78 7.84 10.93
CA THR B 211 8.68 9.02 11.77
C THR B 211 8.58 8.60 13.24
N PRO B 212 8.76 9.56 14.14
CA PRO B 212 8.52 9.24 15.55
C PRO B 212 7.07 8.88 15.78
N LYS B 213 6.81 8.05 16.78
CA LYS B 213 5.41 7.81 17.17
C LYS B 213 4.76 9.11 17.64
N GLU B 214 3.46 9.23 17.40
CA GLU B 214 2.69 10.42 17.81
C GLU B 214 3.36 11.73 17.39
N TRP B 215 3.79 11.77 16.14
CA TRP B 215 4.58 12.90 15.64
C TRP B 215 3.71 14.12 15.36
N LEU B 216 4.21 15.28 15.77
CA LEU B 216 3.50 16.53 15.62
C LEU B 216 3.15 16.80 14.16
N TYR B 217 3.99 16.33 13.25
CA TYR B 217 3.87 16.69 11.83
C TYR B 217 3.31 15.57 10.95
N ALA B 218 2.70 14.58 11.58
CA ALA B 218 2.21 13.39 10.86
C ALA B 218 1.27 13.74 9.73
N LYS B 219 0.29 14.60 10.01
CA LYS B 219 -0.73 14.89 9.02
C LYS B 219 -0.12 15.63 7.83
N ASP B 220 0.72 16.63 8.09
CA ASP B 220 1.30 17.40 7.00
C ASP B 220 2.05 16.45 6.05
N LEU B 221 2.84 15.55 6.61
CA LEU B 221 3.61 14.66 5.76
C LEU B 221 2.69 13.74 4.96
N ASP B 222 1.73 13.13 5.65
CA ASP B 222 0.82 12.21 4.97
C ASP B 222 0.01 12.87 3.85
N VAL B 223 -0.53 14.04 4.12
CA VAL B 223 -1.28 14.73 3.07
C VAL B 223 -0.43 14.98 1.84
N ASN B 224 0.83 15.37 2.05
CA ASN B 224 1.73 15.60 0.95
C ASN B 224 2.11 14.33 0.17
N ILE B 225 2.38 13.24 0.88
N ILE B 225 2.39 13.24 0.87
CA ILE B 225 2.67 11.98 0.24
CA ILE B 225 2.68 11.98 0.21
C ILE B 225 1.49 11.54 -0.62
C ILE B 225 1.49 11.53 -0.62
N LEU B 226 0.29 11.63 -0.06
CA LEU B 226 -0.90 11.20 -0.78
C LEU B 226 -1.12 12.09 -1.99
N SER B 227 -0.80 13.36 -1.87
CA SER B 227 -0.94 14.24 -3.02
C SER B 227 0.04 13.85 -4.12
N LEU B 228 1.28 13.56 -3.75
CA LEU B 228 2.25 13.08 -4.75
C LEU B 228 1.80 11.76 -5.40
N ARG B 229 1.17 10.88 -4.63
CA ARG B 229 0.61 9.64 -5.19
C ARG B 229 -0.45 9.98 -6.23
N GLU B 230 -1.41 10.80 -5.83
CA GLU B 230 -2.61 11.03 -6.63
C GLU B 230 -2.30 11.71 -7.93
N THR B 231 -1.33 12.61 -7.90
CA THR B 231 -0.94 13.37 -9.07
C THR B 231 0.12 12.69 -9.94
N GLY B 232 0.52 11.46 -9.61
CA GLY B 232 1.41 10.72 -10.49
C GLY B 232 2.89 10.97 -10.32
N ILE B 233 3.26 11.81 -9.35
CA ILE B 233 4.68 12.11 -9.12
C ILE B 233 5.48 10.87 -8.68
N LEU B 234 4.95 10.10 -7.74
CA LEU B 234 5.64 8.90 -7.27
C LEU B 234 5.84 7.93 -8.42
N ASP B 235 4.84 7.80 -9.28
CA ASP B 235 4.99 6.92 -10.46
C ASP B 235 6.05 7.42 -11.43
N ASN B 236 6.06 8.74 -11.64
CA ASN B 236 7.09 9.38 -12.47
C ASN B 236 8.49 9.10 -11.95
N LEU B 237 8.67 9.18 -10.63
CA LEU B 237 9.99 9.02 -10.05
C LEU B 237 10.42 7.56 -10.17
N LYS B 238 9.46 6.66 -9.97
CA LYS B 238 9.76 5.23 -10.13
C LYS B 238 10.20 4.93 -11.55
N LYS B 239 9.46 5.41 -12.55
CA LYS B 239 9.90 5.24 -13.94
C LYS B 239 11.29 5.84 -14.20
N LYS B 240 11.49 7.07 -13.76
CA LYS B 240 12.77 7.71 -13.97
C LYS B 240 13.96 6.87 -13.48
N TRP B 241 13.83 6.29 -12.30
CA TRP B 241 14.98 5.66 -11.66
C TRP B 241 15.04 4.17 -11.91
N PHE B 242 13.90 3.54 -12.21
CA PHE B 242 13.87 2.07 -12.29
C PHE B 242 13.61 1.49 -13.67
N GLN B 243 13.11 2.30 -14.60
CA GLN B 243 12.76 1.73 -15.89
C GLN B 243 13.97 1.82 -16.80
N THR B 244 14.93 0.97 -16.50
CA THR B 244 16.18 0.94 -17.24
C THR B 244 16.71 -0.50 -17.22
N LYS B 245 17.36 -0.92 -18.30
CA LYS B 245 17.97 -2.25 -18.36
C LYS B 245 19.18 -2.33 -19.27
N ALA B 246 20.36 -2.41 -18.68
CA ALA B 246 21.60 -2.49 -19.44
C ALA B 246 21.93 -3.91 -19.90
N CYS B 247 21.65 -4.90 -19.06
CA CYS B 247 21.99 -6.29 -19.35
C CYS B 247 21.34 -6.77 -20.65
N PRO B 248 22.07 -7.56 -21.45
CA PRO B 248 21.53 -8.02 -22.73
C PRO B 248 20.38 -9.00 -22.51
#